data_1DBH
#
_entry.id   1DBH
#
_cell.length_a   104.400
_cell.length_b   70.440
_cell.length_c   73.830
_cell.angle_alpha   90.00
_cell.angle_beta   96.29
_cell.angle_gamma   90.00
#
_symmetry.space_group_name_H-M   'C 1 2 1'
#
loop_
_entity.id
_entity.type
_entity.pdbx_description
1 polymer 'PROTEIN (HUMAN SOS 1)'
2 water water
#
_entity_poly.entity_id   1
_entity_poly.type   'polypeptide(L)'
_entity_poly.pdbx_seq_one_letter_code
;EQTYYDLVKAF(MSE)AEIRQYIRELNLIIKVFREPFVSNSKLFSANDVENIFSRIVDIHELSVKLLGHIEDTVE(MSE)
TDEGSPHPLVGSCFEDLAEELAFDPYESYARDILRPGFHDRFLSQLSKPGAALYLQSIGEGFKEAVQYVLPRLLLAPVYH
CLHYFELLKQLEEKSEDQEDKECLKQAITALLNVQSG(MSE)EKICSKSLAKRRLSESACRFYSQQ(MSE)KGKQLAIKK
(MSE)NEIQKNIDGWEGKDIGQCCNEFI(MSE)EGTLTRVGAKHERHIFLFDGL(MSE)ICCKSNHGQPRLPGASNAEYR
LKEKFF(MSE)RKVQINDKDDTNEYKHAFEIILKDENSVIFSAKSAEEKNNW(MSE)AALISLQYRSTLE
;
_entity_poly.pdbx_strand_id   A
#
# COMPACT_ATOMS: atom_id res chain seq x y z
N GLU A 1 15.46 -18.10 -14.68
CA GLU A 1 16.23 -17.20 -15.58
C GLU A 1 17.06 -16.21 -14.78
N GLN A 2 16.73 -16.06 -13.50
CA GLN A 2 17.47 -15.14 -12.63
C GLN A 2 18.55 -15.91 -11.88
N THR A 3 19.74 -15.34 -11.81
CA THR A 3 20.85 -15.98 -11.09
C THR A 3 20.72 -15.63 -9.61
N TYR A 4 21.51 -16.31 -8.79
CA TYR A 4 21.54 -16.08 -7.34
C TYR A 4 21.83 -14.60 -7.12
N TYR A 5 22.77 -14.09 -7.90
CA TYR A 5 23.17 -12.71 -7.79
C TYR A 5 22.08 -11.72 -8.15
N ASP A 6 21.28 -12.04 -9.17
CA ASP A 6 20.20 -11.15 -9.55
C ASP A 6 19.21 -11.06 -8.38
N LEU A 7 18.91 -12.21 -7.78
CA LEU A 7 17.96 -12.22 -6.66
C LEU A 7 18.48 -11.36 -5.52
N VAL A 8 19.77 -11.45 -5.23
CA VAL A 8 20.35 -10.64 -4.17
C VAL A 8 20.29 -9.15 -4.49
N LYS A 9 20.56 -8.79 -5.75
CA LYS A 9 20.51 -7.39 -6.15
C LYS A 9 19.09 -6.91 -6.02
N ALA A 10 18.14 -7.71 -6.50
CA ALA A 10 16.74 -7.35 -6.43
C ALA A 10 16.33 -7.18 -4.96
N PHE A 11 16.74 -8.14 -4.13
CA PHE A 11 16.41 -8.06 -2.72
C PHE A 11 16.96 -6.82 -2.03
N ALA A 13 17.51 -3.89 -3.28
CA ALA A 13 16.71 -2.74 -3.70
C ALA A 13 15.36 -2.77 -2.99
N GLU A 14 14.80 -3.96 -2.84
CA GLU A 14 13.51 -4.12 -2.18
C GLU A 14 13.59 -3.74 -0.69
N ILE A 15 14.59 -4.25 0.02
CA ILE A 15 14.70 -3.96 1.44
C ILE A 15 15.05 -2.49 1.71
N ARG A 16 15.66 -1.82 0.73
CA ARG A 16 15.97 -0.40 0.89
C ARG A 16 14.70 0.45 0.77
N GLN A 17 13.79 0.04 -0.11
CA GLN A 17 12.53 0.76 -0.30
C GLN A 17 11.71 0.50 0.97
N TYR A 18 11.71 -0.77 1.38
CA TYR A 18 10.99 -1.22 2.58
C TYR A 18 11.44 -0.46 3.82
N ILE A 19 12.76 -0.36 4.01
CA ILE A 19 13.31 0.34 5.15
C ILE A 19 12.81 1.78 5.13
N ARG A 20 12.74 2.37 3.93
CA ARG A 20 12.27 3.74 3.79
C ARG A 20 10.80 3.78 4.22
N GLU A 21 10.03 2.77 3.87
CA GLU A 21 8.63 2.73 4.26
C GLU A 21 8.50 2.60 5.78
N LEU A 22 9.36 1.77 6.39
CA LEU A 22 9.33 1.62 7.83
C LEU A 22 9.66 2.96 8.47
N ASN A 23 10.64 3.69 7.92
CA ASN A 23 10.99 5.00 8.47
C ASN A 23 9.83 5.99 8.42
N LEU A 24 9.12 5.99 7.30
CA LEU A 24 7.97 6.86 7.09
C LEU A 24 6.95 6.58 8.18
N ILE A 25 6.65 5.29 8.35
CA ILE A 25 5.71 4.84 9.35
C ILE A 25 6.11 5.27 10.75
N ILE A 26 7.39 5.08 11.07
CA ILE A 26 7.88 5.42 12.39
C ILE A 26 8.05 6.91 12.67
N LYS A 27 8.77 7.61 11.80
CA LYS A 27 9.03 9.04 12.00
C LYS A 27 7.86 9.95 11.69
N VAL A 28 7.09 9.62 10.66
CA VAL A 28 5.97 10.46 10.27
C VAL A 28 4.62 10.11 10.89
N PHE A 29 4.20 8.85 10.81
CA PHE A 29 2.89 8.50 11.36
C PHE A 29 2.84 8.16 12.83
N ARG A 30 3.81 7.41 13.31
CA ARG A 30 3.85 6.99 14.71
C ARG A 30 4.37 8.04 15.71
N GLU A 31 5.41 8.78 15.35
CA GLU A 31 5.96 9.75 16.29
C GLU A 31 4.90 10.69 16.93
N PRO A 32 3.94 11.21 16.14
CA PRO A 32 2.92 12.09 16.74
C PRO A 32 2.04 11.41 17.80
N PHE A 33 1.84 10.09 17.71
CA PHE A 33 1.02 9.42 18.72
C PHE A 33 1.87 9.27 19.99
N VAL A 34 3.14 8.93 19.79
CA VAL A 34 4.07 8.77 20.89
C VAL A 34 4.24 10.11 21.62
N SER A 35 4.28 11.20 20.84
CA SER A 35 4.44 12.54 21.41
C SER A 35 3.28 13.02 22.28
N ASN A 36 2.07 12.57 21.97
CA ASN A 36 0.90 13.00 22.73
C ASN A 36 0.53 11.95 23.77
N SER A 37 1.32 11.90 24.82
CA SER A 37 1.15 10.96 25.92
C SER A 37 -0.22 11.05 26.58
N LYS A 38 -0.78 12.27 26.64
CA LYS A 38 -2.09 12.49 27.24
C LYS A 38 -3.22 11.83 26.45
N LEU A 39 -3.14 11.86 25.12
CA LEU A 39 -4.18 11.26 24.29
C LEU A 39 -4.01 9.77 24.06
N PHE A 40 -2.77 9.32 23.92
CA PHE A 40 -2.54 7.90 23.66
C PHE A 40 -1.58 7.27 24.65
N SER A 41 -2.03 6.19 25.26
CA SER A 41 -1.21 5.47 26.22
C SER A 41 -0.20 4.63 25.42
N ALA A 42 0.71 3.97 26.12
CA ALA A 42 1.70 3.13 25.46
C ALA A 42 0.96 2.05 24.69
N ASN A 43 -0.06 1.46 25.30
CA ASN A 43 -0.85 0.42 24.66
C ASN A 43 -1.57 0.89 23.41
N ASP A 44 -2.13 2.09 23.45
CA ASP A 44 -2.83 2.62 22.28
C ASP A 44 -1.88 2.58 21.09
N VAL A 45 -0.66 3.08 21.30
CA VAL A 45 0.35 3.11 20.25
C VAL A 45 0.64 1.67 19.85
N GLU A 46 0.92 0.85 20.86
CA GLU A 46 1.20 -0.56 20.69
C GLU A 46 0.12 -1.24 19.84
N ASN A 47 -1.15 -0.98 20.13
CA ASN A 47 -2.28 -1.58 19.41
C ASN A 47 -2.44 -1.17 17.96
N ILE A 48 -1.71 -0.14 17.57
CA ILE A 48 -1.78 0.33 16.20
C ILE A 48 -0.51 -0.03 15.43
N PHE A 49 0.63 0.23 16.05
CA PHE A 49 1.90 0.00 15.36
C PHE A 49 2.68 -1.25 15.70
N SER A 50 2.25 -1.98 16.72
CA SER A 50 2.89 -3.22 17.13
C SER A 50 4.43 -3.16 17.20
N ARG A 51 5.08 -4.22 16.73
CA ARG A 51 6.53 -4.35 16.73
C ARG A 51 7.26 -3.57 15.63
N ILE A 52 6.61 -2.56 15.04
CA ILE A 52 7.23 -1.82 13.92
C ILE A 52 8.68 -1.40 14.16
N VAL A 53 8.99 -0.95 15.37
CA VAL A 53 10.35 -0.53 15.67
C VAL A 53 11.35 -1.69 15.63
N ASP A 54 11.01 -2.83 16.22
CA ASP A 54 11.93 -3.96 16.21
C ASP A 54 12.19 -4.40 14.77
N ILE A 55 11.13 -4.43 13.99
CA ILE A 55 11.23 -4.84 12.59
C ILE A 55 12.16 -3.91 11.80
N HIS A 56 12.13 -2.63 12.13
CA HIS A 56 12.99 -1.68 11.46
C HIS A 56 14.45 -1.95 11.84
N GLU A 57 14.69 -2.25 13.11
CA GLU A 57 16.04 -2.52 13.58
C GLU A 57 16.58 -3.80 12.93
N LEU A 58 15.74 -4.83 12.86
CA LEU A 58 16.12 -6.09 12.25
C LEU A 58 16.48 -5.86 10.79
N SER A 59 15.66 -5.08 10.10
CA SER A 59 15.87 -4.80 8.69
C SER A 59 17.16 -4.04 8.39
N VAL A 60 17.46 -3.02 9.19
CA VAL A 60 18.70 -2.27 8.98
C VAL A 60 19.89 -3.18 9.24
N LYS A 61 19.76 -4.06 10.25
CA LYS A 61 20.83 -5.00 10.54
C LYS A 61 21.04 -5.97 9.38
N LEU A 62 19.94 -6.53 8.86
CA LEU A 62 20.02 -7.47 7.74
C LEU A 62 20.68 -6.84 6.53
N LEU A 63 20.22 -5.65 6.13
CA LEU A 63 20.79 -4.97 4.96
C LEU A 63 22.26 -4.66 5.16
N GLY A 64 22.61 -4.23 6.37
CA GLY A 64 23.99 -3.89 6.67
C GLY A 64 24.94 -5.06 6.48
N HIS A 65 24.58 -6.22 6.99
CA HIS A 65 25.41 -7.40 6.85
C HIS A 65 25.54 -7.77 5.38
N ILE A 66 24.41 -7.79 4.69
CA ILE A 66 24.41 -8.14 3.28
C ILE A 66 25.28 -7.17 2.49
N GLU A 67 25.29 -5.90 2.89
CA GLU A 67 26.10 -4.92 2.17
C GLU A 67 27.59 -5.17 2.35
N ASP A 68 28.00 -5.45 3.58
CA ASP A 68 29.41 -5.71 3.83
C ASP A 68 29.83 -6.94 3.05
N THR A 69 29.04 -8.00 3.17
CA THR A 69 29.33 -9.25 2.48
C THR A 69 29.61 -8.98 1.00
N VAL A 70 28.69 -8.30 0.33
CA VAL A 70 28.85 -7.98 -1.08
C VAL A 70 30.16 -7.24 -1.38
N GLU A 71 30.45 -6.17 -0.64
CA GLU A 71 31.66 -5.40 -0.83
C GLU A 71 32.92 -6.22 -0.57
N THR A 73 33.19 -9.36 -1.13
CA THR A 73 33.20 -10.52 -2.03
C THR A 73 34.24 -10.33 -3.14
N ASP A 74 35.29 -11.14 -3.09
CA ASP A 74 36.34 -11.06 -4.10
C ASP A 74 35.98 -11.89 -5.32
N GLU A 75 36.75 -11.72 -6.39
CA GLU A 75 36.52 -12.43 -7.64
C GLU A 75 36.58 -13.95 -7.47
N GLY A 76 37.05 -14.39 -6.31
CA GLY A 76 37.17 -15.82 -6.05
C GLY A 76 35.85 -16.55 -5.85
N SER A 77 34.79 -15.80 -5.56
CA SER A 77 33.47 -16.40 -5.35
C SER A 77 32.57 -16.19 -6.56
N PRO A 78 31.72 -17.18 -6.88
CA PRO A 78 30.79 -17.15 -8.01
C PRO A 78 29.70 -16.08 -7.85
N HIS A 79 29.46 -15.70 -6.60
CA HIS A 79 28.48 -14.69 -6.24
C HIS A 79 28.64 -14.43 -4.75
N PRO A 80 28.22 -13.26 -4.26
CA PRO A 80 28.37 -13.04 -2.82
C PRO A 80 27.57 -14.10 -2.09
N LEU A 81 28.11 -14.62 -1.00
CA LEU A 81 27.45 -15.68 -0.24
C LEU A 81 26.69 -15.07 0.93
N VAL A 82 25.39 -14.90 0.75
CA VAL A 82 24.55 -14.29 1.80
C VAL A 82 23.83 -15.29 2.68
N GLY A 83 24.01 -16.57 2.41
CA GLY A 83 23.35 -17.58 3.22
C GLY A 83 23.56 -17.37 4.70
N SER A 84 24.80 -17.10 5.08
CA SER A 84 25.17 -16.89 6.48
C SER A 84 24.48 -15.66 7.09
N CYS A 85 24.32 -14.60 6.29
CA CYS A 85 23.66 -13.40 6.78
C CYS A 85 22.28 -13.80 7.32
N PHE A 86 21.56 -14.61 6.56
CA PHE A 86 20.25 -15.06 6.99
C PHE A 86 20.31 -16.08 8.11
N GLU A 87 21.20 -17.06 7.98
CA GLU A 87 21.32 -18.11 9.00
C GLU A 87 21.64 -17.54 10.38
N ASP A 88 22.58 -16.61 10.47
CA ASP A 88 22.94 -16.03 11.76
C ASP A 88 21.71 -15.44 12.43
N LEU A 89 20.89 -14.71 11.67
CA LEU A 89 19.70 -14.09 12.22
C LEU A 89 18.60 -15.08 12.58
N ALA A 90 18.33 -16.03 11.68
CA ALA A 90 17.30 -17.02 11.94
C ALA A 90 17.62 -17.87 13.16
N GLU A 91 18.92 -18.12 13.36
CA GLU A 91 19.35 -18.95 14.48
C GLU A 91 19.09 -18.24 15.80
N GLU A 92 19.07 -16.91 15.79
CA GLU A 92 18.81 -16.15 17.01
C GLU A 92 17.32 -15.80 17.09
N LEU A 93 16.51 -16.48 16.29
CA LEU A 93 15.08 -16.24 16.26
C LEU A 93 14.76 -14.75 16.10
N ALA A 94 15.60 -14.06 15.32
CA ALA A 94 15.43 -12.63 15.09
C ALA A 94 14.19 -12.24 14.28
N PHE A 95 13.60 -13.20 13.57
CA PHE A 95 12.40 -12.90 12.78
C PHE A 95 11.08 -13.10 13.52
N ASP A 96 11.15 -13.53 14.78
CA ASP A 96 9.94 -13.74 15.59
C ASP A 96 9.03 -12.50 15.65
N PRO A 97 9.61 -11.30 15.78
CA PRO A 97 8.78 -10.08 15.84
C PRO A 97 7.75 -10.00 14.69
N TYR A 98 8.06 -10.57 13.53
CA TYR A 98 7.12 -10.54 12.40
C TYR A 98 5.85 -11.33 12.65
N GLU A 99 5.96 -12.45 13.37
CA GLU A 99 4.79 -13.26 13.66
C GLU A 99 3.89 -12.45 14.61
N SER A 100 4.49 -11.88 15.64
CA SER A 100 3.74 -11.08 16.61
C SER A 100 3.09 -9.90 15.89
N TYR A 101 3.85 -9.24 15.03
CA TYR A 101 3.36 -8.10 14.25
C TYR A 101 2.16 -8.52 13.43
N ALA A 102 2.33 -9.59 12.64
CA ALA A 102 1.24 -10.06 11.78
C ALA A 102 0.02 -10.38 12.62
N ARG A 103 0.25 -10.97 13.79
CA ARG A 103 -0.85 -11.34 14.68
C ARG A 103 -1.60 -10.08 15.14
N ASP A 104 -0.86 -9.03 15.50
CA ASP A 104 -1.52 -7.81 15.94
C ASP A 104 -2.23 -7.07 14.80
N ILE A 105 -1.55 -6.92 13.67
CA ILE A 105 -2.11 -6.18 12.55
C ILE A 105 -3.22 -6.89 11.76
N LEU A 106 -3.15 -8.22 11.67
CA LEU A 106 -4.15 -8.96 10.92
C LEU A 106 -5.27 -9.54 11.77
N ARG A 107 -5.31 -9.16 13.05
CA ARG A 107 -6.38 -9.61 13.94
C ARG A 107 -7.66 -9.07 13.30
N PRO A 108 -8.75 -9.85 13.38
CA PRO A 108 -10.04 -9.43 12.79
C PRO A 108 -10.56 -8.06 13.21
N GLY A 109 -10.38 -7.68 14.46
CA GLY A 109 -10.88 -6.38 14.88
C GLY A 109 -9.92 -5.18 14.79
N PHE A 110 -8.82 -5.35 14.06
CA PHE A 110 -7.83 -4.28 13.94
C PHE A 110 -8.31 -2.91 13.50
N HIS A 111 -8.92 -2.85 12.32
CA HIS A 111 -9.38 -1.58 11.78
C HIS A 111 -10.39 -0.86 12.69
N ASP A 112 -11.40 -1.58 13.18
CA ASP A 112 -12.41 -1.01 14.07
C ASP A 112 -11.73 -0.33 15.26
N ARG A 113 -10.83 -1.05 15.92
CA ARG A 113 -10.11 -0.49 17.06
C ARG A 113 -9.25 0.70 16.63
N PHE A 114 -8.72 0.63 15.42
CA PHE A 114 -7.89 1.70 14.86
C PHE A 114 -8.74 2.99 14.75
N LEU A 115 -9.91 2.87 14.15
CA LEU A 115 -10.82 4.00 13.98
C LEU A 115 -11.25 4.62 15.32
N SER A 116 -11.59 3.77 16.29
CA SER A 116 -12.00 4.24 17.61
C SER A 116 -10.91 5.12 18.22
N GLN A 117 -9.66 4.79 17.90
CA GLN A 117 -8.52 5.52 18.41
C GLN A 117 -8.44 6.89 17.74
N LEU A 118 -8.91 6.97 16.49
CA LEU A 118 -8.89 8.21 15.75
C LEU A 118 -10.12 9.07 16.02
N SER A 119 -11.18 8.46 16.51
CA SER A 119 -12.42 9.19 16.78
C SER A 119 -12.71 9.49 18.25
N LYS A 120 -11.85 9.05 19.16
CA LYS A 120 -12.07 9.34 20.57
C LYS A 120 -11.86 10.84 20.79
N PRO A 121 -12.35 11.38 21.91
CA PRO A 121 -12.23 12.81 22.22
C PRO A 121 -10.87 13.47 21.98
N GLY A 122 -10.89 14.50 21.15
CA GLY A 122 -9.68 15.25 20.85
C GLY A 122 -8.67 14.65 19.88
N ALA A 123 -8.88 13.39 19.49
CA ALA A 123 -7.94 12.74 18.59
C ALA A 123 -7.94 13.34 17.20
N ALA A 124 -9.12 13.41 16.56
CA ALA A 124 -9.21 13.97 15.22
C ALA A 124 -8.65 15.39 15.17
N LEU A 125 -8.94 16.19 16.19
CA LEU A 125 -8.45 17.56 16.21
C LEU A 125 -6.94 17.61 16.38
N TYR A 126 -6.40 16.69 17.18
CA TYR A 126 -4.96 16.65 17.38
C TYR A 126 -4.26 16.27 16.08
N LEU A 127 -4.79 15.29 15.37
CA LEU A 127 -4.18 14.84 14.12
C LEU A 127 -4.19 15.98 13.09
N GLN A 128 -5.27 16.75 13.03
CA GLN A 128 -5.36 17.86 12.10
C GLN A 128 -4.31 18.93 12.46
N SER A 129 -4.06 19.13 13.76
CA SER A 129 -3.07 20.13 14.16
C SER A 129 -1.64 19.76 13.77
N ILE A 130 -1.41 18.49 13.46
CA ILE A 130 -0.06 18.06 13.08
C ILE A 130 0.29 18.71 11.75
N GLY A 131 -0.69 18.85 10.87
CA GLY A 131 -0.43 19.48 9.60
C GLY A 131 -1.41 19.05 8.54
N GLU A 132 -1.47 19.79 7.44
CA GLU A 132 -2.38 19.46 6.36
C GLU A 132 -2.12 18.06 5.86
N GLY A 133 -3.20 17.31 5.64
CA GLY A 133 -3.10 15.95 5.13
C GLY A 133 -2.78 14.83 6.10
N PHE A 134 -2.31 15.16 7.30
CA PHE A 134 -1.96 14.12 8.27
C PHE A 134 -3.15 13.25 8.68
N LYS A 135 -4.25 13.90 9.06
CA LYS A 135 -5.45 13.18 9.49
C LYS A 135 -5.99 12.24 8.41
N GLU A 136 -5.97 12.70 7.16
CA GLU A 136 -6.44 11.90 6.04
C GLU A 136 -5.44 10.76 5.76
N ALA A 137 -4.16 11.09 5.80
CA ALA A 137 -3.12 10.08 5.54
C ALA A 137 -3.20 8.97 6.59
N VAL A 138 -3.32 9.37 7.86
CA VAL A 138 -3.41 8.43 8.96
C VAL A 138 -4.61 7.49 8.84
N GLN A 139 -5.78 8.05 8.57
CA GLN A 139 -6.99 7.26 8.46
C GLN A 139 -7.11 6.36 7.25
N TYR A 140 -6.75 6.88 6.08
CA TYR A 140 -6.92 6.07 4.88
C TYR A 140 -5.68 5.46 4.26
N VAL A 141 -4.49 5.95 4.59
CA VAL A 141 -3.28 5.39 4.00
C VAL A 141 -2.46 4.52 4.97
N LEU A 142 -2.29 4.97 6.21
CA LEU A 142 -1.51 4.20 7.18
C LEU A 142 -1.91 2.71 7.31
N PRO A 143 -3.21 2.42 7.40
CA PRO A 143 -3.58 0.99 7.52
C PRO A 143 -3.03 0.12 6.38
N ARG A 144 -2.84 0.72 5.21
CA ARG A 144 -2.29 -0.02 4.09
C ARG A 144 -0.80 -0.21 4.30
N LEU A 145 -0.11 0.89 4.65
CA LEU A 145 1.32 0.83 4.88
C LEU A 145 1.64 -0.18 5.97
N LEU A 146 0.78 -0.26 6.99
CA LEU A 146 1.00 -1.18 8.08
C LEU A 146 1.05 -2.66 7.68
N LEU A 147 0.66 -2.96 6.44
CA LEU A 147 0.69 -4.32 5.93
C LEU A 147 2.04 -4.66 5.31
N ALA A 148 2.81 -3.63 4.96
CA ALA A 148 4.11 -3.84 4.34
C ALA A 148 4.99 -4.92 4.97
N PRO A 149 5.15 -4.92 6.31
CA PRO A 149 5.98 -5.94 6.94
C PRO A 149 5.47 -7.36 6.65
N VAL A 150 4.17 -7.51 6.50
CA VAL A 150 3.64 -8.83 6.22
C VAL A 150 4.05 -9.28 4.83
N TYR A 151 3.85 -8.43 3.82
CA TYR A 151 4.24 -8.79 2.45
C TYR A 151 5.73 -9.08 2.41
N HIS A 152 6.51 -8.21 3.03
CA HIS A 152 7.96 -8.35 3.06
C HIS A 152 8.43 -9.67 3.65
N CYS A 153 7.90 -10.02 4.83
CA CYS A 153 8.34 -11.25 5.46
C CYS A 153 7.88 -12.49 4.72
N LEU A 154 6.71 -12.44 4.10
CA LEU A 154 6.20 -13.58 3.35
C LEU A 154 7.12 -13.84 2.15
N HIS A 155 7.65 -12.77 1.57
CA HIS A 155 8.54 -12.94 0.43
C HIS A 155 9.88 -13.57 0.84
N TYR A 156 10.28 -13.38 2.10
CA TYR A 156 11.52 -13.97 2.61
C TYR A 156 11.49 -15.48 2.42
N PHE A 157 10.40 -16.09 2.84
CA PHE A 157 10.25 -17.54 2.73
C PHE A 157 10.50 -18.01 1.29
N GLU A 158 9.98 -17.26 0.32
CA GLU A 158 10.16 -17.63 -1.09
C GLU A 158 11.57 -17.32 -1.56
N LEU A 159 12.12 -16.20 -1.10
CA LEU A 159 13.46 -15.76 -1.44
C LEU A 159 14.51 -16.81 -1.02
N LEU A 160 14.41 -17.27 0.22
CA LEU A 160 15.35 -18.26 0.75
C LEU A 160 15.33 -19.57 -0.02
N LYS A 161 14.15 -19.98 -0.46
CA LYS A 161 14.02 -21.21 -1.24
C LYS A 161 14.75 -21.05 -2.58
N GLN A 162 14.51 -19.94 -3.26
CA GLN A 162 15.14 -19.70 -4.55
C GLN A 162 16.65 -19.58 -4.43
N LEU A 163 17.14 -18.94 -3.38
CA LEU A 163 18.58 -18.80 -3.18
C LEU A 163 19.20 -20.17 -2.97
N GLU A 164 18.54 -20.99 -2.16
CA GLU A 164 19.01 -22.34 -1.86
C GLU A 164 19.16 -23.13 -3.15
N GLU A 165 18.15 -23.07 -4.01
CA GLU A 165 18.16 -23.79 -5.28
C GLU A 165 19.22 -23.26 -6.26
N LYS A 166 19.51 -21.97 -6.18
CA LYS A 166 20.46 -21.35 -7.09
C LYS A 166 21.88 -21.19 -6.57
N SER A 167 22.10 -21.48 -5.31
CA SER A 167 23.43 -21.30 -4.76
C SER A 167 24.50 -22.13 -5.48
N GLU A 168 25.64 -21.50 -5.75
CA GLU A 168 26.77 -22.13 -6.44
C GLU A 168 27.88 -22.49 -5.44
N ASP A 169 27.57 -22.43 -4.16
CA ASP A 169 28.55 -22.73 -3.10
C ASP A 169 27.87 -23.68 -2.12
N GLN A 170 28.49 -24.82 -1.87
CA GLN A 170 27.92 -25.82 -0.97
C GLN A 170 27.75 -25.33 0.46
N GLU A 171 28.71 -24.56 0.96
CA GLU A 171 28.62 -24.05 2.32
C GLU A 171 27.49 -23.02 2.39
N ASP A 172 27.36 -22.22 1.34
CA ASP A 172 26.30 -21.21 1.27
C ASP A 172 24.95 -21.95 1.22
N LYS A 173 24.86 -22.98 0.38
CA LYS A 173 23.60 -23.74 0.27
C LYS A 173 23.17 -24.26 1.63
N GLU A 174 24.12 -24.82 2.37
CA GLU A 174 23.86 -25.38 3.69
C GLU A 174 23.28 -24.34 4.64
N CYS A 175 23.90 -23.15 4.70
CA CYS A 175 23.41 -22.07 5.56
C CYS A 175 21.95 -21.76 5.20
N LEU A 176 21.67 -21.64 3.91
CA LEU A 176 20.32 -21.35 3.45
C LEU A 176 19.33 -22.42 3.88
N LYS A 177 19.68 -23.69 3.70
CA LYS A 177 18.81 -24.78 4.13
C LYS A 177 18.48 -24.62 5.61
N GLN A 178 19.50 -24.31 6.39
CA GLN A 178 19.36 -24.14 7.84
C GLN A 178 18.46 -22.94 8.17
N ALA A 179 18.63 -21.85 7.44
CA ALA A 179 17.80 -20.67 7.69
C ALA A 179 16.34 -21.07 7.43
N ILE A 180 16.11 -21.72 6.29
CA ILE A 180 14.76 -22.15 5.94
C ILE A 180 14.14 -22.95 7.07
N THR A 181 14.90 -23.91 7.58
CA THR A 181 14.44 -24.76 8.67
C THR A 181 14.11 -23.97 9.93
N ALA A 182 15.06 -23.13 10.35
CA ALA A 182 14.88 -22.31 11.55
C ALA A 182 13.72 -21.32 11.45
N LEU A 183 13.18 -21.12 10.25
CA LEU A 183 12.08 -20.19 10.08
C LEU A 183 10.72 -20.87 9.90
N LEU A 184 10.70 -22.20 9.91
CA LEU A 184 9.45 -22.93 9.73
C LEU A 184 8.34 -22.56 10.72
N ASN A 185 8.69 -22.32 11.98
CA ASN A 185 7.66 -21.96 12.96
C ASN A 185 7.03 -20.60 12.63
N VAL A 186 7.88 -19.60 12.37
CA VAL A 186 7.40 -18.26 12.03
C VAL A 186 6.49 -18.32 10.81
N GLN A 187 6.91 -19.11 9.82
CA GLN A 187 6.16 -19.25 8.57
C GLN A 187 4.79 -19.91 8.74
N SER A 188 4.72 -21.06 9.43
CA SER A 188 3.41 -21.70 9.60
C SER A 188 2.53 -20.81 10.49
N GLY A 189 3.17 -20.11 11.43
CA GLY A 189 2.43 -19.20 12.28
C GLY A 189 1.79 -18.07 11.47
N GLU A 191 1.32 -18.12 8.26
CA GLU A 191 0.45 -18.75 7.29
C GLU A 191 -0.98 -18.90 7.83
N LYS A 192 -1.11 -19.32 9.09
CA LYS A 192 -2.44 -19.48 9.69
C LYS A 192 -3.13 -18.13 9.80
N ILE A 193 -2.38 -17.11 10.20
CA ILE A 193 -2.92 -15.77 10.36
C ILE A 193 -3.38 -15.16 9.04
N CYS A 194 -2.56 -15.32 7.99
CA CYS A 194 -2.85 -14.74 6.68
C CYS A 194 -3.87 -15.45 5.81
N SER A 195 -4.18 -16.71 6.10
CA SER A 195 -5.14 -17.44 5.27
C SER A 195 -6.60 -17.17 5.65
N LYS A 196 -6.83 -16.67 6.87
CA LYS A 196 -8.19 -16.36 7.29
C LYS A 196 -8.76 -15.36 6.29
N SER A 197 -10.05 -15.53 5.98
CA SER A 197 -10.72 -14.71 4.99
C SER A 197 -10.52 -13.20 5.04
N LEU A 198 -10.77 -12.55 6.18
CA LEU A 198 -10.59 -11.09 6.24
C LEU A 198 -9.16 -10.68 5.91
N ALA A 199 -8.19 -11.27 6.60
CA ALA A 199 -6.80 -10.95 6.34
C ALA A 199 -6.49 -11.12 4.85
N LYS A 200 -6.86 -12.30 4.33
CA LYS A 200 -6.64 -12.62 2.93
C LYS A 200 -7.18 -11.52 2.01
N ARG A 201 -8.34 -10.98 2.36
CA ARG A 201 -8.95 -9.92 1.56
C ARG A 201 -8.15 -8.62 1.69
N ARG A 202 -7.69 -8.32 2.90
CA ARG A 202 -6.91 -7.12 3.14
C ARG A 202 -5.59 -7.15 2.35
N LEU A 203 -4.86 -8.25 2.47
CA LEU A 203 -3.59 -8.41 1.77
C LEU A 203 -3.78 -8.29 0.25
N SER A 204 -4.85 -8.91 -0.23
CA SER A 204 -5.17 -8.87 -1.65
C SER A 204 -5.51 -7.42 -2.03
N GLU A 205 -6.16 -6.73 -1.10
CA GLU A 205 -6.56 -5.35 -1.29
C GLU A 205 -5.37 -4.42 -1.56
N SER A 206 -4.33 -4.53 -0.75
CA SER A 206 -3.16 -3.67 -0.89
C SER A 206 -1.97 -4.35 -1.56
N ALA A 207 -2.24 -5.37 -2.36
CA ALA A 207 -1.16 -6.09 -3.04
C ALA A 207 -0.75 -5.34 -4.31
N ALA A 221 3.99 -1.07 -20.50
CA ALA A 221 2.87 -1.44 -21.42
C ALA A 221 1.65 -0.54 -21.22
N ILE A 222 1.57 0.52 -22.03
CA ILE A 222 0.46 1.46 -21.97
C ILE A 222 -0.68 0.96 -22.85
N LYS A 223 -0.72 -0.36 -23.05
CA LYS A 223 -1.76 -0.99 -23.86
C LYS A 223 -3.13 -0.78 -23.23
N LYS A 224 -3.17 -0.72 -21.91
CA LYS A 224 -4.41 -0.52 -21.18
C LYS A 224 -4.90 0.92 -21.34
N ASN A 226 -4.43 3.05 -23.78
CA ASN A 226 -4.99 3.26 -25.11
C ASN A 226 -6.27 2.47 -25.28
N GLU A 227 -6.35 1.31 -24.63
CA GLU A 227 -7.53 0.47 -24.72
C GLU A 227 -8.70 1.10 -23.97
N ILE A 228 -8.38 1.90 -22.96
CA ILE A 228 -9.41 2.57 -22.17
C ILE A 228 -9.91 3.84 -22.86
N GLN A 229 -9.00 4.55 -23.51
CA GLN A 229 -9.38 5.77 -24.20
C GLN A 229 -10.25 5.38 -25.39
N LYS A 230 -10.01 4.18 -25.91
CA LYS A 230 -10.78 3.66 -27.04
C LYS A 230 -12.09 3.26 -26.81
N ASN A 231 -12.37 3.23 -25.64
CA ASN A 231 -13.63 2.85 -25.34
C ASN A 231 -14.38 3.98 -24.67
N ILE A 232 -13.87 5.20 -24.82
CA ILE A 232 -14.50 6.38 -24.25
C ILE A 232 -14.84 7.35 -25.38
N ASP A 233 -16.11 7.72 -25.48
CA ASP A 233 -16.57 8.64 -26.54
C ASP A 233 -16.46 10.09 -26.07
N GLY A 234 -16.25 11.00 -27.03
CA GLY A 234 -16.16 12.41 -26.72
C GLY A 234 -14.97 12.83 -25.89
N TRP A 235 -13.80 12.33 -26.25
CA TRP A 235 -12.57 12.63 -25.53
C TRP A 235 -12.11 14.08 -25.74
N GLU A 236 -11.54 14.68 -24.70
CA GLU A 236 -11.05 16.06 -24.77
C GLU A 236 -9.58 16.14 -24.35
N GLY A 237 -8.89 17.18 -24.81
CA GLY A 237 -7.49 17.35 -24.46
C GLY A 237 -6.58 16.31 -25.10
N LYS A 238 -5.38 16.16 -24.57
CA LYS A 238 -4.41 15.20 -25.10
C LYS A 238 -4.68 13.76 -24.64
N ASP A 239 -3.94 12.81 -25.19
CA ASP A 239 -4.11 11.40 -24.83
C ASP A 239 -3.76 11.10 -23.39
N ILE A 240 -4.23 9.95 -22.91
CA ILE A 240 -3.97 9.53 -21.55
C ILE A 240 -2.47 9.32 -21.37
N GLY A 241 -1.83 8.78 -22.41
CA GLY A 241 -0.41 8.53 -22.35
C GLY A 241 0.45 9.79 -22.34
N GLN A 242 -0.15 10.91 -22.73
CA GLN A 242 0.57 12.18 -22.77
C GLN A 242 0.53 12.95 -21.45
N CYS A 243 0.17 12.29 -20.37
CA CYS A 243 0.12 12.94 -19.07
C CYS A 243 -0.01 11.96 -17.91
N CYS A 244 -0.15 10.67 -18.24
CA CYS A 244 -0.27 9.64 -17.23
C CYS A 244 0.79 8.58 -17.48
N ASN A 245 1.19 7.89 -16.42
CA ASN A 245 2.21 6.85 -16.54
C ASN A 245 1.73 5.51 -16.01
N GLU A 246 0.66 5.53 -15.22
CA GLU A 246 0.13 4.30 -14.64
C GLU A 246 -1.37 4.35 -14.37
N PHE A 247 -1.98 3.17 -14.29
CA PHE A 247 -3.41 3.03 -14.03
C PHE A 247 -3.57 2.61 -12.57
N ILE A 248 -4.34 3.39 -11.82
CA ILE A 248 -4.55 3.10 -10.40
C ILE A 248 -5.86 2.38 -10.09
N GLU A 250 -10.39 1.82 -10.96
CA GLU A 250 -11.54 1.82 -11.84
C GLU A 250 -12.77 1.40 -11.04
N GLY A 251 -13.63 2.36 -10.72
CA GLY A 251 -14.82 2.04 -9.97
C GLY A 251 -16.03 2.89 -10.32
N THR A 252 -17.01 2.90 -9.41
CA THR A 252 -18.23 3.66 -9.61
C THR A 252 -18.46 4.63 -8.45
N LEU A 253 -18.91 5.83 -8.76
CA LEU A 253 -19.18 6.83 -7.75
C LEU A 253 -20.35 7.72 -8.20
N THR A 254 -20.94 8.43 -7.25
CA THR A 254 -22.04 9.32 -7.55
C THR A 254 -21.64 10.76 -7.27
N ARG A 255 -21.74 11.60 -8.29
CA ARG A 255 -21.39 13.00 -8.15
C ARG A 255 -22.55 13.78 -7.55
N VAL A 256 -22.37 14.27 -6.33
CA VAL A 256 -23.40 15.05 -5.66
C VAL A 256 -23.82 16.20 -6.57
N GLY A 257 -25.00 16.08 -7.16
CA GLY A 257 -25.50 17.12 -8.06
C GLY A 257 -25.73 16.59 -9.46
N ALA A 258 -25.03 15.51 -9.80
CA ALA A 258 -25.17 14.89 -11.11
C ALA A 258 -26.37 13.96 -11.13
N LYS A 259 -26.80 13.58 -12.33
CA LYS A 259 -27.96 12.72 -12.51
C LYS A 259 -27.67 11.22 -12.57
N HIS A 260 -26.54 10.84 -13.20
CA HIS A 260 -26.23 9.41 -13.35
C HIS A 260 -24.88 9.10 -12.74
N GLU A 261 -24.83 7.98 -11.98
CA GLU A 261 -23.59 7.50 -11.36
C GLU A 261 -22.53 7.37 -12.46
N ARG A 262 -21.38 8.00 -12.26
CA ARG A 262 -20.33 7.95 -13.25
C ARG A 262 -19.31 6.85 -13.02
N HIS A 263 -18.88 6.21 -14.10
CA HIS A 263 -17.87 5.18 -14.01
C HIS A 263 -16.57 5.98 -14.02
N ILE A 264 -15.60 5.59 -13.21
CA ILE A 264 -14.37 6.35 -13.15
C ILE A 264 -13.06 5.57 -13.32
N PHE A 265 -12.18 6.11 -14.16
CA PHE A 265 -10.88 5.50 -14.38
C PHE A 265 -9.88 6.43 -13.70
N LEU A 266 -9.13 5.88 -12.77
CA LEU A 266 -8.15 6.68 -12.03
C LEU A 266 -6.73 6.37 -12.47
N PHE A 267 -6.03 7.39 -12.96
CA PHE A 267 -4.65 7.24 -13.37
C PHE A 267 -3.84 8.17 -12.47
N ASP A 268 -2.53 7.97 -12.43
CA ASP A 268 -1.70 8.82 -11.60
C ASP A 268 -1.80 10.28 -12.04
N GLY A 269 -2.13 10.49 -13.31
CA GLY A 269 -2.26 11.84 -13.80
C GLY A 269 -3.67 12.26 -14.13
N LEU A 270 -4.60 11.31 -14.18
CA LEU A 270 -5.98 11.63 -14.51
C LEU A 270 -7.07 10.81 -13.84
N ILE A 272 -10.68 10.09 -14.65
CA ILE A 272 -11.66 10.24 -15.71
C ILE A 272 -13.05 9.76 -15.32
N CYS A 273 -14.00 10.67 -15.39
CA CYS A 273 -15.39 10.39 -15.05
C CYS A 273 -16.24 10.22 -16.30
N CYS A 274 -16.80 9.02 -16.46
CA CYS A 274 -17.61 8.69 -17.62
C CYS A 274 -19.03 8.28 -17.33
N LYS A 275 -19.83 8.23 -18.39
CA LYS A 275 -21.22 7.80 -18.30
C LYS A 275 -21.28 6.51 -19.09
N SER A 276 -21.91 5.48 -18.52
CA SER A 276 -22.01 4.22 -19.21
C SER A 276 -23.19 4.19 -20.16
N ASN A 277 -22.94 3.84 -21.42
CA ASN A 277 -23.99 3.72 -22.42
C ASN A 277 -24.01 2.27 -22.88
N HIS A 278 -23.59 1.38 -21.99
CA HIS A 278 -23.53 -0.04 -22.31
C HIS A 278 -24.89 -0.59 -22.75
N GLY A 279 -24.91 -1.19 -23.94
CA GLY A 279 -26.15 -1.76 -24.45
C GLY A 279 -27.16 -0.80 -25.05
N GLN A 280 -26.99 0.50 -24.86
CA GLN A 280 -27.93 1.46 -25.42
C GLN A 280 -27.76 1.58 -26.93
N PRO A 281 -28.85 1.84 -27.66
CA PRO A 281 -28.82 1.97 -29.12
C PRO A 281 -28.03 3.17 -29.65
N ARG A 282 -27.29 2.94 -30.73
CA ARG A 282 -26.50 3.98 -31.39
C ARG A 282 -26.89 4.05 -32.86
N LEU A 283 -26.69 5.22 -33.45
CA LEU A 283 -26.98 5.39 -34.86
C LEU A 283 -25.84 4.76 -35.63
N PRO A 284 -26.12 4.23 -36.85
CA PRO A 284 -25.06 3.61 -37.66
C PRO A 284 -23.96 4.63 -37.98
N GLY A 285 -22.71 4.19 -37.94
CA GLY A 285 -21.60 5.09 -38.21
C GLY A 285 -21.15 5.81 -36.95
N ALA A 286 -21.96 5.76 -35.90
CA ALA A 286 -21.60 6.43 -34.64
C ALA A 286 -20.66 5.60 -33.77
N SER A 287 -20.04 6.25 -32.80
CA SER A 287 -19.12 5.58 -31.88
C SER A 287 -19.81 4.41 -31.16
N ASN A 288 -19.08 3.31 -30.99
CA ASN A 288 -19.63 2.13 -30.31
C ASN A 288 -19.03 1.99 -28.90
N ALA A 289 -18.21 2.96 -28.49
CA ALA A 289 -17.57 2.95 -27.18
C ALA A 289 -18.60 2.81 -26.07
N GLU A 290 -18.26 2.01 -25.06
CA GLU A 290 -19.16 1.79 -23.94
C GLU A 290 -19.42 3.02 -23.09
N TYR A 291 -18.43 3.90 -23.00
CA TYR A 291 -18.57 5.10 -22.18
C TYR A 291 -18.50 6.43 -22.91
N ARG A 292 -18.98 7.46 -22.23
CA ARG A 292 -19.00 8.84 -22.72
C ARG A 292 -18.29 9.71 -21.68
N LEU A 293 -17.28 10.45 -22.09
CA LEU A 293 -16.55 11.32 -21.19
C LEU A 293 -17.45 12.39 -20.59
N LYS A 294 -17.33 12.62 -19.29
CA LYS A 294 -18.12 13.64 -18.60
C LYS A 294 -17.17 14.65 -17.94
N GLU A 295 -16.29 14.14 -17.08
CA GLU A 295 -15.30 14.98 -16.40
C GLU A 295 -13.90 14.41 -16.52
N LYS A 296 -12.97 15.26 -16.95
CA LYS A 296 -11.57 14.88 -17.10
C LYS A 296 -10.80 15.76 -16.12
N PHE A 297 -10.43 15.19 -14.98
CA PHE A 297 -9.70 15.92 -13.94
C PHE A 297 -8.21 15.62 -13.88
N PHE A 298 -7.39 16.68 -13.84
CA PHE A 298 -5.94 16.53 -13.76
C PHE A 298 -5.53 16.40 -12.29
N ARG A 300 -3.41 16.94 -9.48
CA ARG A 300 -2.35 17.80 -9.00
C ARG A 300 -2.95 18.85 -8.07
N LYS A 301 -4.01 18.44 -7.36
CA LYS A 301 -4.71 19.32 -6.44
C LYS A 301 -5.25 18.59 -5.20
N VAL A 302 -5.58 19.35 -4.18
CA VAL A 302 -6.08 18.84 -2.90
C VAL A 302 -7.28 17.90 -2.93
N GLN A 303 -7.42 17.12 -1.87
CA GLN A 303 -8.52 16.17 -1.70
C GLN A 303 -8.96 16.23 -0.22
N ILE A 304 -10.21 16.63 0.01
CA ILE A 304 -10.74 16.74 1.36
C ILE A 304 -11.83 15.74 1.69
N ASN A 305 -11.82 15.25 2.93
CA ASN A 305 -12.79 14.27 3.42
C ASN A 305 -14.06 14.98 3.90
N ASP A 306 -15.22 14.36 3.67
CA ASP A 306 -16.51 14.92 4.09
C ASP A 306 -17.33 13.97 4.94
N LYS A 307 -17.96 14.51 5.99
CA LYS A 307 -18.79 13.71 6.88
C LYS A 307 -20.13 13.47 6.21
N ASP A 308 -20.82 12.39 6.59
CA ASP A 308 -22.12 12.08 6.01
C ASP A 308 -23.08 13.25 6.21
N ASP A 309 -24.06 13.37 5.32
CA ASP A 309 -25.03 14.44 5.39
C ASP A 309 -26.42 13.88 5.09
N THR A 310 -27.42 14.35 5.83
CA THR A 310 -28.79 13.90 5.61
C THR A 310 -29.11 14.06 4.11
N ASN A 311 -28.29 14.86 3.43
CA ASN A 311 -28.44 15.10 2.01
C ASN A 311 -28.30 13.81 1.22
N GLU A 312 -28.60 12.70 1.87
CA GLU A 312 -28.52 11.38 1.26
C GLU A 312 -27.10 10.97 0.88
N TYR A 313 -26.16 11.91 0.89
CA TYR A 313 -24.81 11.53 0.54
C TYR A 313 -24.01 11.11 1.76
N LYS A 314 -23.55 9.87 1.70
CA LYS A 314 -22.75 9.26 2.76
C LYS A 314 -21.55 8.62 2.08
N HIS A 315 -20.46 8.43 2.81
CA HIS A 315 -19.27 7.82 2.23
C HIS A 315 -18.82 8.73 1.10
N ALA A 316 -18.68 10.02 1.41
CA ALA A 316 -18.29 11.00 0.42
C ALA A 316 -17.00 11.72 0.74
N PHE A 317 -16.46 12.38 -0.28
CA PHE A 317 -15.22 13.14 -0.16
C PHE A 317 -15.26 14.23 -1.21
N GLU A 318 -14.50 15.29 -0.98
CA GLU A 318 -14.47 16.43 -1.87
C GLU A 318 -13.14 16.62 -2.61
N ILE A 319 -13.22 16.83 -3.91
CA ILE A 319 -12.02 17.06 -4.72
C ILE A 319 -11.96 18.54 -5.05
N ILE A 320 -10.80 19.16 -4.84
CA ILE A 320 -10.63 20.58 -5.10
C ILE A 320 -9.62 20.82 -6.22
N LEU A 321 -10.09 21.37 -7.33
CA LEU A 321 -9.22 21.66 -8.48
C LEU A 321 -8.79 23.12 -8.51
N LYS A 322 -7.71 23.39 -9.23
CA LYS A 322 -7.15 24.73 -9.36
C LYS A 322 -8.10 25.72 -10.05
N ASP A 323 -8.42 26.80 -9.37
CA ASP A 323 -9.30 27.84 -9.88
C ASP A 323 -10.65 27.32 -10.39
N GLU A 324 -10.94 26.06 -10.08
CA GLU A 324 -12.20 25.43 -10.50
C GLU A 324 -13.09 25.25 -9.27
N ASN A 325 -14.34 24.88 -9.51
CA ASN A 325 -15.29 24.67 -8.42
C ASN A 325 -15.15 23.23 -7.89
N SER A 326 -15.24 23.08 -6.57
CA SER A 326 -15.12 21.78 -5.95
C SER A 326 -16.19 20.82 -6.45
N VAL A 327 -15.89 19.52 -6.38
CA VAL A 327 -16.82 18.47 -6.80
C VAL A 327 -16.86 17.43 -5.69
N ILE A 328 -18.06 16.96 -5.37
CA ILE A 328 -18.21 15.96 -4.32
C ILE A 328 -18.70 14.63 -4.84
N PHE A 329 -18.03 13.54 -4.46
CA PHE A 329 -18.44 12.22 -4.88
C PHE A 329 -18.91 11.38 -3.70
N SER A 330 -19.69 10.34 -4.02
CA SER A 330 -20.24 9.44 -3.02
C SER A 330 -20.05 8.02 -3.49
N ALA A 331 -19.57 7.15 -2.60
CA ALA A 331 -19.34 5.75 -2.93
C ALA A 331 -20.47 4.86 -2.42
N LYS A 332 -20.53 3.63 -2.91
CA LYS A 332 -21.56 2.68 -2.49
C LYS A 332 -21.45 2.27 -1.03
N SER A 333 -20.23 2.19 -0.52
CA SER A 333 -20.03 1.80 0.88
C SER A 333 -18.83 2.50 1.51
N ALA A 334 -18.58 2.19 2.78
CA ALA A 334 -17.45 2.78 3.49
C ALA A 334 -16.16 2.12 2.99
N GLU A 335 -16.28 0.86 2.60
CA GLU A 335 -15.13 0.11 2.07
C GLU A 335 -14.69 0.71 0.76
N GLU A 336 -15.66 1.06 -0.09
CA GLU A 336 -15.36 1.66 -1.38
C GLU A 336 -14.73 3.03 -1.16
N LYS A 337 -15.32 3.81 -0.26
CA LYS A 337 -14.78 5.14 0.03
C LYS A 337 -13.34 5.00 0.52
N ASN A 338 -13.07 3.96 1.31
CA ASN A 338 -11.72 3.77 1.82
C ASN A 338 -10.72 3.52 0.70
N ASN A 339 -11.08 2.67 -0.26
CA ASN A 339 -10.20 2.38 -1.39
C ASN A 339 -9.90 3.65 -2.19
N TRP A 340 -10.90 4.49 -2.43
CA TRP A 340 -10.68 5.72 -3.18
C TRP A 340 -9.81 6.74 -2.43
N ALA A 342 -7.68 6.04 -0.15
CA ALA A 342 -6.34 5.47 -0.06
C ALA A 342 -5.54 5.86 -1.31
N ALA A 343 -6.11 5.60 -2.48
CA ALA A 343 -5.47 5.93 -3.73
C ALA A 343 -5.36 7.44 -3.99
N LEU A 344 -6.43 8.18 -3.71
CA LEU A 344 -6.43 9.61 -3.93
C LEU A 344 -5.50 10.37 -2.99
N ILE A 345 -5.48 10.00 -1.71
CA ILE A 345 -4.61 10.68 -0.77
C ILE A 345 -3.15 10.34 -1.06
N SER A 346 -2.89 9.11 -1.50
CA SER A 346 -1.52 8.70 -1.84
C SER A 346 -1.04 9.50 -3.03
N LEU A 347 -1.93 9.74 -3.97
CA LEU A 347 -1.60 10.48 -5.17
C LEU A 347 -1.29 11.94 -4.81
N GLN A 348 -2.11 12.54 -3.95
CA GLN A 348 -1.89 13.93 -3.58
C GLN A 348 -0.55 14.11 -2.87
N TYR A 349 -0.19 13.16 -2.02
CA TYR A 349 1.07 13.27 -1.30
C TYR A 349 2.11 12.27 -1.77
N ARG A 350 2.09 11.99 -3.07
CA ARG A 350 3.04 11.05 -3.69
C ARG A 350 4.50 11.37 -3.40
N SER A 351 4.82 12.66 -3.27
CA SER A 351 6.20 13.04 -3.01
C SER A 351 6.70 12.49 -1.68
N THR A 352 5.82 12.39 -0.69
CA THR A 352 6.20 11.85 0.59
C THR A 352 6.06 10.33 0.56
N LEU A 353 4.98 9.85 -0.05
CA LEU A 353 4.73 8.41 -0.11
C LEU A 353 5.42 7.71 -1.28
#